data_4K6I
#
_entry.id   4K6I
#
_cell.length_a   68.150
_cell.length_b   68.150
_cell.length_c   106.590
_cell.angle_alpha   90.00
_cell.angle_beta   90.00
_cell.angle_gamma   90.00
#
_symmetry.space_group_name_H-M   'P 43 21 2'
#
loop_
_entity.id
_entity.type
_entity.pdbx_description
1 polymer 'Retinoic acid receptor RXR-alpha'
2 polymer 'Nuclear receptor coactivator 2'
3 non-polymer '4-[1-(3,5,5,8,8-pentamethyl-5,6,7,8-tetrahydronaphthalen-2-yl)ethenyl]benzoic acid'
4 water water
#
loop_
_entity_poly.entity_id
_entity_poly.type
_entity_poly.pdbx_seq_one_letter_code
_entity_poly.pdbx_strand_id
1 'polypeptide(L)'
;EDMPVERILEAELAVEPKTETYVEANMGLNPSSPNDPVTNICQAADKQLFTLVEWAKRIPHFSELPLDDQVILLRAGWNE
LLIASFSHRSIAVKDGILLATGLHVHRNSAHSAGVGAIFDRVLTELVSKMRDMQMDKTELGCLRAIVLFNPDSKGLSNPA
EVEALREKVYASLEAYCKHKYPEQPGRFAKLLLRLPALRSIGLKCLEHLFFFKLIGDTPIDTFLMEMLEAP
;
A
2 'polypeptide(L)' KHKILHRLLQDSS B
#
# COMPACT_ATOMS: atom_id res chain seq x y z
N GLU A 1 1.80 -21.54 -8.95
CA GLU A 1 0.56 -21.76 -9.76
C GLU A 1 -0.65 -21.14 -9.06
N ASP A 2 -1.73 -20.92 -9.81
CA ASP A 2 -2.95 -20.33 -9.25
C ASP A 2 -2.62 -18.97 -8.65
N MET A 3 -1.97 -18.13 -9.47
CA MET A 3 -1.62 -16.79 -9.05
C MET A 3 -1.77 -15.88 -10.27
N PRO A 4 -2.95 -15.90 -10.92
CA PRO A 4 -3.23 -15.10 -12.11
C PRO A 4 -3.40 -13.60 -11.88
N VAL A 5 -3.02 -12.83 -12.89
CA VAL A 5 -3.12 -11.38 -12.80
C VAL A 5 -4.57 -10.94 -12.89
N GLU A 6 -5.44 -11.86 -13.32
CA GLU A 6 -6.86 -11.52 -13.43
C GLU A 6 -7.47 -11.41 -12.04
N ARG A 7 -7.02 -12.28 -11.13
CA ARG A 7 -7.51 -12.28 -9.76
C ARG A 7 -7.06 -11.01 -9.04
N ILE A 8 -5.80 -10.65 -9.23
CA ILE A 8 -5.21 -9.45 -8.62
C ILE A 8 -5.96 -8.19 -9.05
N LEU A 9 -6.14 -8.02 -10.36
CA LEU A 9 -6.86 -6.86 -10.88
C LEU A 9 -8.22 -6.74 -10.19
N GLU A 10 -8.96 -7.85 -10.18
CA GLU A 10 -10.28 -7.88 -9.57
C GLU A 10 -10.22 -7.35 -8.14
N ALA A 11 -9.19 -7.79 -7.41
CA ALA A 11 -8.98 -7.37 -6.05
C ALA A 11 -8.92 -5.85 -5.96
N GLU A 12 -8.11 -5.25 -6.84
CA GLU A 12 -7.93 -3.81 -6.90
C GLU A 12 -9.24 -3.09 -7.20
N LEU A 13 -10.08 -3.73 -8.01
CA LEU A 13 -11.35 -3.14 -8.38
C LEU A 13 -12.45 -3.39 -7.36
N ALA A 14 -12.43 -4.58 -6.77
CA ALA A 14 -13.43 -4.96 -5.78
C ALA A 14 -13.44 -4.10 -4.52
N VAL A 15 -12.33 -3.45 -4.22
CA VAL A 15 -12.24 -2.64 -3.01
C VAL A 15 -12.50 -1.15 -3.18
N GLU A 16 -11.81 -0.54 -4.12
CA GLU A 16 -11.97 0.89 -4.36
C GLU A 16 -13.01 1.14 -5.46
N PRO A 17 -14.24 1.51 -5.07
CA PRO A 17 -15.34 1.79 -6.00
C PRO A 17 -15.09 2.99 -6.91
N ASN A 35 -10.44 20.74 9.24
CA ASN A 35 -9.86 21.48 8.13
C ASN A 35 -8.38 21.16 8.01
N ASP A 36 -7.83 20.57 9.08
CA ASP A 36 -6.42 20.17 9.11
C ASP A 36 -6.15 19.05 8.10
N PRO A 37 -5.23 19.29 7.17
CA PRO A 37 -4.88 18.29 6.14
C PRO A 37 -4.28 17.00 6.71
N VAL A 38 -3.53 17.11 7.81
CA VAL A 38 -2.95 15.92 8.45
C VAL A 38 -4.07 15.06 9.05
N THR A 39 -5.07 15.69 9.68
CA THR A 39 -6.18 14.96 10.27
C THR A 39 -7.04 14.30 9.18
N ASN A 40 -7.11 14.95 8.03
CA ASN A 40 -7.90 14.40 6.94
C ASN A 40 -7.22 13.17 6.33
N ILE A 41 -5.91 13.23 6.16
CA ILE A 41 -5.13 12.14 5.60
C ILE A 41 -5.15 10.96 6.56
N CYS A 42 -5.19 11.24 7.85
CA CYS A 42 -5.25 10.17 8.83
C CYS A 42 -6.57 9.44 8.85
N GLN A 43 -7.67 10.18 8.65
CA GLN A 43 -8.99 9.55 8.66
C GLN A 43 -9.19 8.71 7.43
N ALA A 44 -8.55 9.13 6.33
CA ALA A 44 -8.65 8.40 5.08
C ALA A 44 -7.87 7.10 5.23
N ALA A 45 -6.73 7.17 5.91
CA ALA A 45 -5.89 6.01 6.16
C ALA A 45 -6.68 4.97 6.98
N ASP A 46 -7.34 5.41 8.05
CA ASP A 46 -8.11 4.52 8.94
C ASP A 46 -9.24 3.85 8.21
N LYS A 47 -9.90 4.63 7.37
CA LYS A 47 -10.99 4.16 6.55
C LYS A 47 -10.46 3.11 5.57
N GLN A 48 -9.27 3.35 5.00
CA GLN A 48 -8.70 2.42 4.01
C GLN A 48 -8.12 1.14 4.62
N LEU A 49 -7.90 1.15 5.93
CA LEU A 49 -7.36 -0.02 6.57
C LEU A 49 -8.37 -1.19 6.57
N PHE A 50 -9.66 -0.87 6.70
CA PHE A 50 -10.68 -1.92 6.73
C PHE A 50 -10.79 -2.55 5.34
N THR A 51 -10.67 -1.71 4.32
CA THR A 51 -10.75 -2.14 2.95
C THR A 51 -9.51 -2.92 2.53
N LEU A 52 -8.37 -2.53 3.09
CA LEU A 52 -7.09 -3.18 2.83
C LEU A 52 -7.20 -4.66 3.19
N VAL A 53 -7.79 -4.95 4.35
CA VAL A 53 -7.96 -6.32 4.82
C VAL A 53 -8.78 -7.11 3.80
N GLU A 54 -9.86 -6.50 3.33
CA GLU A 54 -10.74 -7.13 2.35
C GLU A 54 -9.97 -7.34 1.04
N TRP A 55 -9.11 -6.39 0.74
CA TRP A 55 -8.32 -6.47 -0.47
C TRP A 55 -7.39 -7.68 -0.41
N ALA A 56 -6.72 -7.84 0.72
CA ALA A 56 -5.77 -8.92 0.92
C ALA A 56 -6.46 -10.28 0.80
N LYS A 57 -7.67 -10.40 1.35
CA LYS A 57 -8.39 -11.67 1.29
C LYS A 57 -8.67 -12.06 -0.15
N ARG A 58 -8.76 -11.07 -1.03
CA ARG A 58 -9.02 -11.31 -2.44
C ARG A 58 -7.77 -11.72 -3.22
N ILE A 59 -6.61 -11.60 -2.60
CA ILE A 59 -5.38 -12.01 -3.27
C ILE A 59 -5.27 -13.51 -3.03
N PRO A 60 -5.21 -14.32 -4.12
CA PRO A 60 -5.11 -15.77 -3.97
C PRO A 60 -4.00 -16.24 -3.06
N HIS A 61 -4.34 -17.22 -2.22
CA HIS A 61 -3.45 -17.84 -1.26
C HIS A 61 -3.23 -17.09 0.04
N PHE A 62 -3.49 -15.79 0.02
CA PHE A 62 -3.29 -14.98 1.22
C PHE A 62 -4.09 -15.54 2.40
N SER A 63 -5.36 -15.84 2.16
CA SER A 63 -6.25 -16.35 3.19
C SER A 63 -5.90 -17.76 3.65
N GLU A 64 -5.25 -18.54 2.80
CA GLU A 64 -4.89 -19.92 3.15
C GLU A 64 -3.71 -19.94 4.12
N LEU A 65 -3.06 -18.80 4.30
CA LEU A 65 -1.93 -18.71 5.22
C LEU A 65 -2.47 -18.66 6.64
N PRO A 66 -1.67 -19.09 7.63
CA PRO A 66 -2.13 -19.08 9.02
C PRO A 66 -2.49 -17.65 9.48
N LEU A 67 -3.51 -17.53 10.31
CA LEU A 67 -3.94 -16.22 10.78
C LEU A 67 -2.79 -15.39 11.35
N ASP A 68 -1.89 -16.04 12.09
CA ASP A 68 -0.73 -15.35 12.67
C ASP A 68 0.12 -14.65 11.62
N ASP A 69 0.31 -15.27 10.46
CA ASP A 69 1.13 -14.64 9.43
C ASP A 69 0.36 -13.57 8.67
N GLN A 70 -0.95 -13.71 8.63
CA GLN A 70 -1.78 -12.72 7.94
C GLN A 70 -1.69 -11.42 8.72
N VAL A 71 -1.60 -11.53 10.04
CA VAL A 71 -1.49 -10.36 10.89
C VAL A 71 -0.13 -9.68 10.69
N ILE A 72 0.93 -10.49 10.71
CA ILE A 72 2.30 -9.99 10.51
C ILE A 72 2.46 -9.29 9.15
N LEU A 73 2.03 -9.94 8.08
CA LEU A 73 2.15 -9.34 6.74
C LEU A 73 1.37 -8.02 6.63
N LEU A 74 0.15 -7.97 7.15
CA LEU A 74 -0.64 -6.75 7.08
C LEU A 74 -0.06 -5.61 7.93
N ARG A 75 0.32 -5.93 9.16
CA ARG A 75 0.89 -4.94 10.05
C ARG A 75 2.23 -4.46 9.50
N ALA A 76 2.94 -5.36 8.86
CA ALA A 76 4.24 -5.06 8.30
C ALA A 76 4.19 -4.22 7.02
N GLY A 77 3.15 -4.40 6.21
CA GLY A 77 3.11 -3.64 4.98
C GLY A 77 1.94 -2.70 4.73
N TRP A 78 1.07 -2.51 5.72
CA TRP A 78 -0.10 -1.65 5.56
C TRP A 78 0.26 -0.28 5.02
N ASN A 79 1.25 0.34 5.63
CA ASN A 79 1.70 1.68 5.23
C ASN A 79 2.11 1.73 3.76
N GLU A 80 3.00 0.85 3.33
CA GLU A 80 3.38 0.90 1.92
C GLU A 80 2.20 0.52 1.02
N LEU A 81 1.33 -0.38 1.47
CA LEU A 81 0.19 -0.78 0.64
C LEU A 81 -0.74 0.42 0.38
N LEU A 82 -0.93 1.26 1.39
CA LEU A 82 -1.80 2.41 1.25
C LEU A 82 -1.13 3.55 0.51
N ILE A 83 0.16 3.75 0.76
CA ILE A 83 0.84 4.81 0.06
C ILE A 83 0.74 4.45 -1.42
N ALA A 84 1.09 3.21 -1.79
CA ALA A 84 0.99 2.86 -3.21
C ALA A 84 -0.40 3.04 -3.81
N SER A 85 -1.47 2.77 -3.06
CA SER A 85 -2.83 2.94 -3.59
C SER A 85 -3.23 4.38 -3.85
N PHE A 86 -3.13 5.24 -2.84
CA PHE A 86 -3.54 6.62 -3.09
C PHE A 86 -2.59 7.32 -4.07
N SER A 87 -1.37 6.81 -4.23
CA SER A 87 -0.46 7.44 -5.17
C SER A 87 -0.96 7.22 -6.59
N HIS A 88 -1.36 5.99 -6.91
CA HIS A 88 -1.84 5.65 -8.24
C HIS A 88 -3.19 6.31 -8.53
N ARG A 89 -3.93 6.57 -7.47
CA ARG A 89 -5.22 7.19 -7.56
C ARG A 89 -5.08 8.67 -7.88
N SER A 90 -3.94 9.24 -7.52
CA SER A 90 -3.69 10.66 -7.73
C SER A 90 -3.01 10.98 -9.07
N ILE A 91 -2.81 9.97 -9.89
CA ILE A 91 -2.16 10.11 -11.20
C ILE A 91 -2.71 11.28 -12.02
N ALA A 92 -4.00 11.59 -11.84
CA ALA A 92 -4.64 12.68 -12.56
C ALA A 92 -4.54 14.04 -11.84
N VAL A 93 -4.16 14.04 -10.56
CA VAL A 93 -4.02 15.28 -9.79
C VAL A 93 -2.74 16.03 -10.18
N LYS A 94 -2.85 17.35 -10.33
CA LYS A 94 -1.71 18.19 -10.73
C LYS A 94 -0.55 18.16 -9.73
N ASP A 95 -0.76 18.77 -8.57
CA ASP A 95 0.27 18.80 -7.54
C ASP A 95 -0.37 18.49 -6.20
N GLY A 96 -0.81 17.25 -6.03
CA GLY A 96 -1.44 16.86 -4.79
C GLY A 96 -1.89 15.43 -4.89
N ILE A 97 -2.77 15.01 -3.99
CA ILE A 97 -3.25 13.63 -3.98
C ILE A 97 -4.74 13.56 -3.75
N LEU A 98 -5.36 12.46 -4.16
CA LEU A 98 -6.78 12.27 -3.95
C LEU A 98 -6.96 11.27 -2.81
N LEU A 99 -7.65 11.69 -1.76
CA LEU A 99 -7.90 10.85 -0.57
C LEU A 99 -9.10 9.92 -0.76
N ALA A 100 -9.12 8.82 -0.02
CA ALA A 100 -10.21 7.86 -0.11
C ALA A 100 -11.53 8.53 0.12
N THR A 101 -11.54 9.52 1.01
CA THR A 101 -12.75 10.26 1.34
C THR A 101 -13.16 11.16 0.17
N GLY A 102 -12.51 10.98 -0.97
CA GLY A 102 -12.84 11.78 -2.15
C GLY A 102 -12.36 13.23 -2.06
N LEU A 103 -11.65 13.55 -0.99
CA LEU A 103 -11.17 14.90 -0.79
C LEU A 103 -9.75 15.08 -1.36
N HIS A 104 -9.39 16.31 -1.70
CA HIS A 104 -8.07 16.58 -2.26
C HIS A 104 -7.15 17.23 -1.25
N VAL A 105 -5.85 17.08 -1.48
CA VAL A 105 -4.80 17.66 -0.64
C VAL A 105 -3.75 18.13 -1.64
N HIS A 106 -3.51 19.45 -1.69
CA HIS A 106 -2.54 20.04 -2.60
C HIS A 106 -1.17 20.21 -1.93
N ARG A 107 -0.13 20.26 -2.73
CA ARG A 107 1.25 20.46 -2.28
C ARG A 107 1.39 21.59 -1.26
N ASN A 108 0.80 22.75 -1.56
CA ASN A 108 0.87 23.90 -0.66
C ASN A 108 0.18 23.64 0.67
N SER A 109 -0.96 22.97 0.61
CA SER A 109 -1.68 22.65 1.83
C SER A 109 -0.87 21.68 2.73
N ALA A 110 -0.15 20.75 2.11
CA ALA A 110 0.66 19.81 2.87
C ALA A 110 1.83 20.56 3.48
N HIS A 111 2.35 21.53 2.73
CA HIS A 111 3.49 22.31 3.19
C HIS A 111 3.10 23.15 4.40
N SER A 112 1.89 23.72 4.36
CA SER A 112 1.39 24.56 5.44
C SER A 112 1.04 23.74 6.68
N ALA A 113 1.20 22.42 6.60
CA ALA A 113 0.88 21.56 7.73
C ALA A 113 2.14 20.99 8.38
N GLY A 114 3.30 21.34 7.85
CA GLY A 114 4.53 20.83 8.42
C GLY A 114 5.05 19.52 7.84
N VAL A 115 4.41 19.04 6.77
CA VAL A 115 4.87 17.80 6.15
C VAL A 115 5.22 17.95 4.66
N GLY A 116 5.67 19.14 4.30
CA GLY A 116 6.03 19.41 2.92
C GLY A 116 7.01 18.46 2.30
N ALA A 117 8.11 18.20 3.00
CA ALA A 117 9.14 17.32 2.48
C ALA A 117 8.66 15.92 2.05
N ILE A 118 8.02 15.22 2.99
CA ILE A 118 7.56 13.85 2.73
C ILE A 118 6.48 13.81 1.65
N PHE A 119 5.62 14.82 1.65
CA PHE A 119 4.55 14.92 0.68
C PHE A 119 5.19 15.05 -0.70
N ASP A 120 6.17 15.94 -0.85
CA ASP A 120 6.84 16.11 -2.13
C ASP A 120 7.50 14.83 -2.63
N ARG A 121 8.13 14.07 -1.71
CA ARG A 121 8.77 12.81 -2.08
C ARG A 121 7.70 11.87 -2.66
N VAL A 122 6.48 11.93 -2.12
CA VAL A 122 5.38 11.10 -2.64
C VAL A 122 5.05 11.49 -4.08
N LEU A 123 5.01 12.80 -4.33
CA LEU A 123 4.71 13.31 -5.65
C LEU A 123 5.82 13.04 -6.66
N THR A 124 7.07 13.25 -6.26
CA THR A 124 8.19 13.07 -7.17
C THR A 124 8.63 11.63 -7.40
N GLU A 125 8.72 10.85 -6.33
CA GLU A 125 9.19 9.48 -6.45
C GLU A 125 8.12 8.46 -6.80
N LEU A 126 6.89 8.74 -6.41
CA LEU A 126 5.79 7.81 -6.68
C LEU A 126 4.74 8.29 -7.72
N VAL A 127 3.87 9.20 -7.31
CA VAL A 127 2.80 9.72 -8.16
C VAL A 127 3.25 10.08 -9.58
N SER A 128 4.15 11.04 -9.69
CA SER A 128 4.64 11.49 -10.99
C SER A 128 5.25 10.37 -11.80
N LYS A 129 5.88 9.42 -11.14
CA LYS A 129 6.50 8.31 -11.85
C LYS A 129 5.46 7.32 -12.37
N MET A 130 4.44 7.05 -11.58
CA MET A 130 3.41 6.11 -11.97
C MET A 130 2.69 6.65 -13.20
N ARG A 131 2.57 7.97 -13.23
CA ARG A 131 1.91 8.64 -14.33
C ARG A 131 2.78 8.64 -15.59
N ASP A 132 4.06 8.94 -15.45
CA ASP A 132 4.95 8.96 -16.61
C ASP A 132 4.99 7.63 -17.35
N MET A 133 5.05 6.54 -16.61
CA MET A 133 5.10 5.22 -17.23
C MET A 133 3.71 4.67 -17.47
N GLN A 134 2.69 5.42 -17.06
CA GLN A 134 1.31 5.00 -17.21
C GLN A 134 1.08 3.61 -16.62
N MET A 135 1.47 3.44 -15.35
CA MET A 135 1.29 2.18 -14.65
C MET A 135 -0.20 1.87 -14.57
N ASP A 136 -0.61 0.70 -15.06
CA ASP A 136 -2.02 0.31 -15.00
C ASP A 136 -2.40 -0.40 -13.70
N LYS A 137 -3.70 -0.58 -13.50
CA LYS A 137 -4.18 -1.19 -12.27
C LYS A 137 -3.70 -2.61 -12.03
N THR A 138 -3.41 -3.34 -13.10
CA THR A 138 -2.94 -4.71 -12.94
C THR A 138 -1.51 -4.67 -12.40
N GLU A 139 -0.70 -3.74 -12.90
CA GLU A 139 0.68 -3.60 -12.45
C GLU A 139 0.72 -3.17 -10.99
N LEU A 140 -0.14 -2.22 -10.65
CA LEU A 140 -0.22 -1.73 -9.28
C LEU A 140 -0.58 -2.88 -8.34
N GLY A 141 -1.60 -3.65 -8.72
CA GLY A 141 -2.02 -4.75 -7.87
C GLY A 141 -0.92 -5.78 -7.63
N CYS A 142 -0.21 -6.12 -8.68
CA CYS A 142 0.85 -7.08 -8.51
C CYS A 142 1.94 -6.50 -7.62
N LEU A 143 2.16 -5.20 -7.73
CA LEU A 143 3.18 -4.58 -6.91
C LEU A 143 2.78 -4.67 -5.46
N ARG A 144 1.52 -4.34 -5.19
CA ARG A 144 1.01 -4.39 -3.82
C ARG A 144 1.03 -5.82 -3.32
N ALA A 145 0.70 -6.80 -4.17
CA ALA A 145 0.73 -8.18 -3.70
C ALA A 145 2.14 -8.57 -3.34
N ILE A 146 3.13 -8.10 -4.10
CA ILE A 146 4.52 -8.40 -3.78
C ILE A 146 4.88 -7.85 -2.39
N VAL A 147 4.49 -6.59 -2.13
CA VAL A 147 4.74 -5.95 -0.85
C VAL A 147 4.04 -6.73 0.25
N LEU A 148 2.79 -7.09 -0.01
CA LEU A 148 1.99 -7.85 0.95
C LEU A 148 2.75 -9.12 1.37
N PHE A 149 3.22 -9.88 0.37
CA PHE A 149 3.97 -11.11 0.62
C PHE A 149 5.44 -10.85 0.89
N ASN A 150 5.72 -10.05 1.93
CA ASN A 150 7.09 -9.71 2.33
C ASN A 150 7.62 -10.79 3.27
N PRO A 151 8.52 -11.66 2.77
CA PRO A 151 9.15 -12.74 3.53
C PRO A 151 10.16 -12.27 4.57
N ASP A 152 10.49 -10.98 4.57
CA ASP A 152 11.45 -10.49 5.58
C ASP A 152 10.73 -10.12 6.89
N SER A 153 9.40 -10.13 6.86
CA SER A 153 8.60 -9.79 8.04
C SER A 153 8.96 -10.70 9.23
N LYS A 154 9.22 -10.09 10.38
CA LYS A 154 9.60 -10.83 11.56
C LYS A 154 8.40 -11.55 12.17
N GLY A 155 8.64 -12.74 12.72
CA GLY A 155 7.57 -13.49 13.34
C GLY A 155 6.93 -14.54 12.45
N LEU A 156 7.00 -14.36 11.13
CA LEU A 156 6.41 -15.33 10.21
C LEU A 156 6.77 -16.79 10.57
N SER A 157 5.76 -17.63 10.69
CA SER A 157 6.01 -19.03 11.03
C SER A 157 6.69 -19.76 9.88
N ASN A 158 6.27 -19.45 8.66
CA ASN A 158 6.86 -20.12 7.51
C ASN A 158 7.23 -19.12 6.44
N PRO A 159 8.34 -18.40 6.64
CA PRO A 159 8.80 -17.41 5.68
C PRO A 159 9.08 -17.99 4.30
N ALA A 160 9.17 -19.30 4.23
CA ALA A 160 9.44 -19.97 2.97
C ALA A 160 8.24 -19.84 2.02
N GLU A 161 7.04 -20.17 2.52
CA GLU A 161 5.84 -20.10 1.70
C GLU A 161 5.52 -18.67 1.26
N VAL A 162 5.81 -17.71 2.13
CA VAL A 162 5.57 -16.30 1.84
C VAL A 162 6.46 -15.90 0.67
N GLU A 163 7.69 -16.44 0.67
CA GLU A 163 8.63 -16.16 -0.40
C GLU A 163 8.14 -16.81 -1.71
N ALA A 164 7.57 -18.01 -1.60
CA ALA A 164 7.07 -18.73 -2.76
C ALA A 164 5.94 -17.93 -3.41
N LEU A 165 5.07 -17.39 -2.57
CA LEU A 165 3.95 -16.61 -3.08
C LEU A 165 4.43 -15.36 -3.83
N ARG A 166 5.41 -14.67 -3.24
CA ARG A 166 5.95 -13.47 -3.83
C ARG A 166 6.52 -13.77 -5.22
N GLU A 167 7.22 -14.88 -5.34
CA GLU A 167 7.80 -15.25 -6.62
C GLU A 167 6.73 -15.45 -7.70
N LYS A 168 5.63 -16.09 -7.34
CA LYS A 168 4.57 -16.32 -8.30
C LYS A 168 3.91 -15.03 -8.77
N VAL A 169 3.82 -14.06 -7.87
CA VAL A 169 3.22 -12.77 -8.19
C VAL A 169 4.02 -12.06 -9.29
N TYR A 170 5.31 -11.84 -9.06
CA TYR A 170 6.07 -11.12 -10.07
C TYR A 170 6.29 -11.94 -11.34
N ALA A 171 6.11 -13.26 -11.22
CA ALA A 171 6.25 -14.13 -12.37
C ALA A 171 5.07 -13.85 -13.31
N SER A 172 3.86 -13.79 -12.73
CA SER A 172 2.66 -13.52 -13.52
C SER A 172 2.69 -12.08 -14.02
N LEU A 173 3.31 -11.19 -13.22
CA LEU A 173 3.43 -9.78 -13.59
C LEU A 173 4.34 -9.64 -14.81
N GLU A 174 5.51 -10.28 -14.73
CA GLU A 174 6.48 -10.25 -15.83
C GLU A 174 5.80 -10.69 -17.11
N ALA A 175 5.03 -11.78 -17.04
CA ALA A 175 4.30 -12.27 -18.22
C ALA A 175 3.27 -11.22 -18.69
N TYR A 176 2.58 -10.60 -17.75
CA TYR A 176 1.58 -9.56 -18.09
C TYR A 176 2.30 -8.46 -18.86
N CYS A 177 3.42 -8.02 -18.33
CA CYS A 177 4.20 -7.00 -18.99
C CYS A 177 4.83 -7.66 -20.24
N LYS A 178 5.48 -6.87 -21.10
CA LYS A 178 6.11 -7.43 -22.30
C LYS A 178 5.03 -7.85 -23.29
N HIS A 179 4.08 -8.66 -22.82
CA HIS A 179 2.98 -9.09 -23.64
C HIS A 179 2.04 -7.90 -23.86
N LYS A 180 1.72 -7.20 -22.77
CA LYS A 180 0.85 -6.04 -22.86
C LYS A 180 1.64 -4.83 -23.37
N TYR A 181 2.95 -4.83 -23.12
CA TYR A 181 3.83 -3.73 -23.55
C TYR A 181 5.09 -4.28 -24.26
N PRO A 182 4.94 -4.81 -25.48
CA PRO A 182 6.05 -5.38 -26.24
C PRO A 182 7.18 -4.39 -26.54
N GLU A 183 6.83 -3.12 -26.66
CA GLU A 183 7.81 -2.08 -26.94
C GLU A 183 8.69 -1.75 -25.73
N GLN A 184 8.29 -2.19 -24.54
CA GLN A 184 9.01 -1.91 -23.29
C GLN A 184 9.52 -3.15 -22.56
N PRO A 185 10.69 -3.65 -22.97
CA PRO A 185 11.34 -4.82 -22.38
C PRO A 185 11.72 -4.65 -20.92
N GLY A 186 11.97 -3.40 -20.52
CA GLY A 186 12.37 -3.13 -19.15
C GLY A 186 11.29 -2.57 -18.25
N ARG A 187 10.04 -2.63 -18.68
CA ARG A 187 8.93 -2.10 -17.90
C ARG A 187 8.80 -2.85 -16.57
N PHE A 188 8.95 -4.16 -16.62
CA PHE A 188 8.85 -5.03 -15.45
C PHE A 188 9.86 -4.61 -14.37
N ALA A 189 11.15 -4.56 -14.73
CA ALA A 189 12.20 -4.15 -13.81
C ALA A 189 11.94 -2.73 -13.29
N LYS A 190 11.37 -1.88 -14.15
CA LYS A 190 11.09 -0.50 -13.77
C LYS A 190 10.12 -0.45 -12.59
N LEU A 191 9.09 -1.30 -12.67
CA LEU A 191 8.05 -1.40 -11.64
C LEU A 191 8.69 -1.77 -10.31
N LEU A 192 9.39 -2.90 -10.30
CA LEU A 192 10.06 -3.39 -9.10
C LEU A 192 11.01 -2.34 -8.51
N LEU A 193 11.61 -1.52 -9.34
CA LEU A 193 12.53 -0.49 -8.88
C LEU A 193 11.87 0.75 -8.27
N ARG A 194 10.56 0.69 -8.04
CA ARG A 194 9.91 1.79 -7.35
C ARG A 194 9.72 1.36 -5.91
N LEU A 195 9.87 0.06 -5.66
CA LEU A 195 9.74 -0.52 -4.31
C LEU A 195 10.71 0.03 -3.27
N PRO A 196 11.94 0.35 -3.67
CA PRO A 196 12.91 0.90 -2.72
C PRO A 196 12.43 2.29 -2.25
N ALA A 197 11.91 3.08 -3.19
CA ALA A 197 11.40 4.40 -2.83
C ALA A 197 10.19 4.21 -1.93
N LEU A 198 9.29 3.28 -2.28
CA LEU A 198 8.09 3.01 -1.47
C LEU A 198 8.47 2.63 -0.02
N ARG A 199 9.48 1.76 0.13
CA ARG A 199 9.98 1.35 1.45
C ARG A 199 10.41 2.61 2.27
N SER A 200 11.37 3.39 1.74
CA SER A 200 11.90 4.64 2.32
C SER A 200 10.81 5.67 2.71
N ILE A 201 9.93 5.99 1.76
CA ILE A 201 8.80 6.91 1.98
C ILE A 201 7.77 6.36 3.02
N GLY A 202 7.59 5.03 3.02
CA GLY A 202 6.69 4.39 3.96
C GLY A 202 7.30 4.52 5.35
N LEU A 203 8.62 4.34 5.44
CA LEU A 203 9.32 4.48 6.73
C LEU A 203 9.24 5.90 7.29
N LYS A 204 9.35 6.90 6.43
CA LYS A 204 9.30 8.29 6.88
C LYS A 204 7.89 8.63 7.35
N CYS A 205 6.88 8.06 6.68
CA CYS A 205 5.49 8.27 7.03
C CYS A 205 5.24 7.73 8.42
N LEU A 206 5.85 6.60 8.75
CA LEU A 206 5.67 6.02 10.08
C LEU A 206 6.26 6.89 11.18
N GLU A 207 7.43 7.47 10.95
CA GLU A 207 8.08 8.35 11.92
C GLU A 207 7.15 9.53 12.20
N HIS A 208 6.53 10.06 11.16
CA HIS A 208 5.63 11.20 11.36
C HIS A 208 4.45 10.84 12.25
N LEU A 209 3.82 9.73 11.90
CA LEU A 209 2.66 9.24 12.62
C LEU A 209 2.96 9.03 14.09
N PHE A 210 4.07 8.35 14.38
CA PHE A 210 4.44 8.10 15.76
C PHE A 210 4.57 9.40 16.51
N PHE A 211 5.23 10.38 15.90
CA PHE A 211 5.40 11.67 16.53
C PHE A 211 4.01 12.29 16.80
N PHE A 212 3.13 12.25 15.81
CA PHE A 212 1.79 12.79 15.98
C PHE A 212 1.10 12.18 17.19
N LYS A 213 1.17 10.86 17.30
CA LYS A 213 0.55 10.13 18.41
C LYS A 213 1.13 10.61 19.75
N LEU A 214 2.45 10.68 19.80
CA LEU A 214 3.14 11.14 20.99
C LEU A 214 2.62 12.51 21.44
N ILE A 215 2.68 13.50 20.55
CA ILE A 215 2.24 14.87 20.83
C ILE A 215 0.84 14.97 21.39
N GLY A 216 -0.09 14.18 20.86
CA GLY A 216 -1.45 14.20 21.35
C GLY A 216 -2.42 14.91 20.40
N ASP A 217 -1.91 15.84 19.61
CA ASP A 217 -2.78 16.54 18.68
C ASP A 217 -3.06 15.62 17.52
N THR A 218 -3.90 16.04 16.58
CA THR A 218 -4.24 15.18 15.46
C THR A 218 -5.03 13.94 15.92
N PRO A 219 -6.33 13.90 15.61
CA PRO A 219 -7.18 12.78 15.98
C PRO A 219 -6.77 11.53 15.21
N ILE A 220 -6.54 10.44 15.92
CA ILE A 220 -6.17 9.18 15.29
C ILE A 220 -7.21 8.09 15.59
N ASP A 221 -7.95 7.66 14.58
CA ASP A 221 -8.98 6.64 14.74
C ASP A 221 -8.45 5.29 15.23
N THR A 222 -9.37 4.45 15.69
CA THR A 222 -9.07 3.14 16.28
C THR A 222 -8.20 2.18 15.50
N PHE A 223 -8.52 1.99 14.23
CA PHE A 223 -7.76 1.08 13.41
C PHE A 223 -6.35 1.57 13.13
N LEU A 224 -6.22 2.84 12.80
CA LEU A 224 -4.92 3.41 12.53
C LEU A 224 -4.11 3.37 13.84
N MET A 225 -4.78 3.63 14.96
CA MET A 225 -4.12 3.60 16.26
C MET A 225 -3.56 2.20 16.55
N GLU A 226 -4.34 1.19 16.21
CA GLU A 226 -3.91 -0.19 16.42
C GLU A 226 -2.61 -0.51 15.66
N MET A 227 -2.51 -0.10 14.39
CA MET A 227 -1.30 -0.39 13.61
C MET A 227 -0.06 0.22 14.27
N LEU A 228 -0.26 1.35 14.95
CA LEU A 228 0.85 2.02 15.61
C LEU A 228 1.23 1.39 16.95
N GLU A 229 0.55 0.29 17.30
CA GLU A 229 0.82 -0.42 18.54
C GLU A 229 2.11 -1.22 18.39
N ALA A 230 2.51 -1.89 19.47
CA ALA A 230 3.71 -2.72 19.49
C ALA A 230 3.35 -4.21 19.42
N PRO A 231 4.28 -5.04 18.91
CA PRO A 231 5.61 -4.66 18.40
C PRO A 231 5.55 -3.80 17.15
N LYS B 1 -3.53 -9.03 21.68
CA LYS B 1 -3.53 -7.66 21.07
C LYS B 1 -3.89 -7.73 19.57
N HIS B 2 -3.95 -6.56 18.91
CA HIS B 2 -4.32 -6.48 17.50
C HIS B 2 -5.79 -6.89 17.36
N LYS B 3 -6.63 -6.38 18.25
CA LYS B 3 -8.06 -6.70 18.24
C LYS B 3 -8.75 -6.57 16.89
N ILE B 4 -8.80 -5.34 16.40
CA ILE B 4 -9.47 -5.04 15.15
C ILE B 4 -9.01 -5.92 13.99
N LEU B 5 -7.70 -5.99 13.79
CA LEU B 5 -7.10 -6.78 12.73
C LEU B 5 -7.54 -8.25 12.73
N HIS B 6 -7.51 -8.89 13.89
CA HIS B 6 -7.94 -10.29 13.97
C HIS B 6 -9.41 -10.46 13.63
N ARG B 7 -10.26 -9.60 14.18
CA ARG B 7 -11.68 -9.68 13.93
C ARG B 7 -12.04 -9.56 12.46
N LEU B 8 -11.39 -8.64 11.76
CA LEU B 8 -11.63 -8.44 10.34
C LEU B 8 -11.13 -9.59 9.46
N LEU B 9 -9.98 -10.17 9.82
CA LEU B 9 -9.43 -11.30 9.07
C LEU B 9 -10.27 -12.56 9.22
N GLN B 10 -10.73 -12.81 10.45
CA GLN B 10 -11.54 -13.97 10.78
C GLN B 10 -12.92 -13.95 10.11
N ASP B 11 -13.57 -12.80 10.10
CA ASP B 11 -14.91 -12.71 9.51
C ASP B 11 -14.86 -12.79 7.96
#